data_6J8O
#
_entry.id   6J8O
#
_cell.length_a   69.641
_cell.length_b   127.360
_cell.length_c   44.310
_cell.angle_alpha   90.00
_cell.angle_beta   90.00
_cell.angle_gamma   90.00
#
_symmetry.space_group_name_H-M   'P 21 21 2'
#
loop_
_entity.id
_entity.type
_entity.pdbx_description
1 polymer 'Small vasohibin-binding protein'
2 polymer 'Tubulinyl-Tyr carboxypeptidase 1'
3 polymer '8-mer peptide'
4 water water
#
loop_
_entity_poly.entity_id
_entity_poly.type
_entity_poly.pdbx_seq_one_letter_code
_entity_poly.pdbx_strand_id
1 'polypeptide(L)' GSPPARKEKTKVKESVSRVEKAKQKSAQQELKQRQRAEIYALNRVMTEL A
2 'polypeptide(L)'
;MDEATWERMWKHVAKIHPDGEKVAQRIRGATDLPKIPIPSVPTFQPSTPVPERLEAVQRYIRELQYNHTGTQFFEIKKSR
PLTGLMDLAKEMTKEALPIKSLEAVILGIYLTNSMPTLERFPISFKTYFSGNYFRHIVLGVNFAGRYGALGMSRREDLMY
KPPAFRTLSELVLDFEAAYGRCWHVLKKVKLGQSVSHDPHSVEQIEWKHSVLDVERLGRDDFRKELERHARDMRLKIG
;
B
3 'polypeptide(L)' GEEEGEEY C
#
# COMPACT_ATOMS: atom_id res chain seq x y z
N VAL A 19 14.85 -35.99 6.77
CA VAL A 19 14.74 -36.14 5.32
C VAL A 19 13.29 -35.88 4.87
N GLU A 20 12.32 -36.33 5.65
CA GLU A 20 10.92 -36.14 5.26
C GLU A 20 10.50 -34.67 5.39
N LYS A 21 10.91 -34.02 6.48
CA LYS A 21 10.65 -32.59 6.60
C LYS A 21 11.43 -31.78 5.57
N ALA A 22 12.65 -32.22 5.24
CA ALA A 22 13.41 -31.56 4.19
C ALA A 22 12.76 -31.75 2.84
N LYS A 23 12.08 -32.88 2.65
CA LYS A 23 11.35 -33.12 1.41
C LYS A 23 10.09 -32.27 1.34
N GLN A 24 9.41 -32.09 2.47
CA GLN A 24 8.21 -31.26 2.49
C GLN A 24 8.54 -29.79 2.29
N LYS A 25 9.58 -29.30 2.98
CA LYS A 25 10.01 -27.92 2.81
C LYS A 25 10.36 -27.64 1.36
N SER A 26 11.05 -28.58 0.69
CA SER A 26 11.40 -28.40 -0.70
C SER A 26 10.16 -28.32 -1.58
N ALA A 27 9.14 -29.12 -1.26
CA ALA A 27 7.92 -29.12 -2.06
C ALA A 27 7.08 -27.87 -1.79
N GLN A 28 7.06 -27.41 -0.54
CA GLN A 28 6.28 -26.20 -0.25
C GLN A 28 6.96 -24.95 -0.81
N GLN A 29 8.30 -24.92 -0.76
CA GLN A 29 9.01 -23.82 -1.40
C GLN A 29 8.85 -23.86 -2.91
N GLU A 30 8.86 -25.06 -3.50
CA GLU A 30 8.67 -25.16 -4.95
C GLU A 30 7.27 -24.69 -5.35
N LEU A 31 6.26 -25.05 -4.56
CA LEU A 31 4.89 -24.62 -4.83
C LEU A 31 4.78 -23.10 -4.79
N LYS A 32 5.39 -22.46 -3.78
CA LYS A 32 5.32 -21.01 -3.69
C LYS A 32 6.09 -20.33 -4.82
N GLN A 33 7.23 -20.90 -5.20
CA GLN A 33 8.02 -20.31 -6.28
C GLN A 33 7.28 -20.41 -7.62
N ARG A 34 6.69 -21.56 -7.91
CA ARG A 34 5.90 -21.70 -9.14
C ARG A 34 4.71 -20.74 -9.13
N GLN A 35 4.03 -20.62 -7.98
CA GLN A 35 2.90 -19.70 -7.92
C GLN A 35 3.34 -18.26 -8.10
N ARG A 36 4.44 -17.89 -7.45
CA ARG A 36 4.91 -16.50 -7.52
C ARG A 36 5.26 -16.11 -8.96
N ALA A 37 5.88 -17.03 -9.70
CA ALA A 37 6.22 -16.72 -11.09
C ALA A 37 4.96 -16.52 -11.93
N GLU A 38 3.92 -17.34 -11.71
CA GLU A 38 2.70 -17.16 -12.48
C GLU A 38 1.95 -15.92 -12.05
N ILE A 39 2.01 -15.58 -10.76
CA ILE A 39 1.41 -14.33 -10.28
C ILE A 39 2.01 -13.13 -11.00
N TYR A 40 3.34 -13.10 -11.13
CA TYR A 40 3.96 -11.93 -11.75
C TYR A 40 3.74 -11.91 -13.25
N ALA A 41 3.72 -13.08 -13.89
CA ALA A 41 3.35 -13.11 -15.31
C ALA A 41 1.92 -12.62 -15.51
N LEU A 42 1.00 -13.04 -14.64
CA LEU A 42 -0.37 -12.55 -14.70
C LEU A 42 -0.44 -11.06 -14.42
N ASN A 43 0.32 -10.60 -13.41
CA ASN A 43 0.25 -9.19 -13.05
C ASN A 43 0.69 -8.29 -14.21
N ARG A 44 1.70 -8.73 -14.97
CA ARG A 44 2.12 -7.94 -16.12
C ARG A 44 1.00 -7.85 -17.17
N VAL A 45 0.33 -8.97 -17.44
CA VAL A 45 -0.75 -8.97 -18.42
C VAL A 45 -1.88 -8.05 -17.96
N MET A 46 -2.25 -8.13 -16.69
CA MET A 46 -3.31 -7.28 -16.18
C MET A 46 -2.89 -5.82 -16.09
N THR A 47 -1.61 -5.56 -15.80
CA THR A 47 -1.13 -4.18 -15.73
C THR A 47 -1.23 -3.50 -17.08
N GLU A 48 -0.98 -4.24 -18.16
CA GLU A 48 -0.96 -3.70 -19.51
C GLU A 48 -2.31 -3.77 -20.20
N LEU A 49 -3.33 -4.30 -19.54
CA LEU A 49 -4.65 -4.49 -20.16
C LEU A 49 -5.23 -3.19 -20.69
N MET B 1 -0.32 -20.10 -1.63
CA MET B 1 -1.73 -20.16 -1.23
C MET B 1 -2.32 -21.51 -1.59
N ASP B 2 -3.43 -21.87 -0.95
CA ASP B 2 -3.95 -23.23 -1.14
C ASP B 2 -4.63 -23.36 -2.50
N GLU B 3 -4.98 -24.61 -2.83
CA GLU B 3 -5.39 -24.92 -4.19
C GLU B 3 -6.72 -24.27 -4.54
N ALA B 4 -7.64 -24.15 -3.58
CA ALA B 4 -8.94 -23.54 -3.87
C ALA B 4 -8.80 -22.04 -4.11
N THR B 5 -7.99 -21.36 -3.31
CA THR B 5 -7.78 -19.93 -3.49
C THR B 5 -7.11 -19.64 -4.84
N TRP B 6 -6.18 -20.51 -5.24
CA TRP B 6 -5.51 -20.37 -6.53
C TRP B 6 -6.51 -20.46 -7.68
N GLU B 7 -7.39 -21.47 -7.65
CA GLU B 7 -8.39 -21.59 -8.71
C GLU B 7 -9.33 -20.38 -8.74
N ARG B 8 -9.66 -19.85 -7.55
CA ARG B 8 -10.50 -18.66 -7.50
C ARG B 8 -9.86 -17.48 -8.20
N MET B 9 -8.55 -17.31 -8.01
CA MET B 9 -7.84 -16.21 -8.68
C MET B 9 -7.95 -16.34 -10.20
N TRP B 10 -7.73 -17.55 -10.72
CA TRP B 10 -7.78 -17.75 -12.17
C TRP B 10 -9.21 -17.65 -12.70
N LYS B 11 -10.18 -18.16 -11.93
CA LYS B 11 -11.58 -18.00 -12.33
C LYS B 11 -11.95 -16.53 -12.41
N HIS B 12 -11.46 -15.72 -11.47
CA HIS B 12 -11.73 -14.29 -11.51
C HIS B 12 -11.06 -13.63 -12.70
N VAL B 13 -9.84 -14.06 -13.05
CA VAL B 13 -9.17 -13.54 -14.23
C VAL B 13 -10.03 -13.76 -15.46
N ALA B 14 -10.67 -14.93 -15.55
CA ALA B 14 -11.47 -15.26 -16.71
C ALA B 14 -12.62 -14.28 -16.92
N LYS B 15 -13.15 -13.71 -15.83
CA LYS B 15 -14.26 -12.79 -16.02
C LYS B 15 -13.81 -11.35 -16.29
N ILE B 16 -12.74 -10.90 -15.62
CA ILE B 16 -12.37 -9.49 -15.73
C ILE B 16 -11.45 -9.19 -16.92
N HIS B 17 -10.98 -10.21 -17.64
CA HIS B 17 -10.10 -9.98 -18.79
C HIS B 17 -10.82 -10.34 -20.09
N PRO B 18 -10.68 -9.52 -21.15
CA PRO B 18 -11.34 -9.82 -22.44
C PRO B 18 -11.22 -11.27 -22.89
N ASP B 19 -10.00 -11.77 -23.07
CA ASP B 19 -9.79 -13.18 -23.34
C ASP B 19 -9.20 -13.85 -22.10
N GLY B 20 -10.03 -13.89 -21.06
CA GLY B 20 -9.57 -14.36 -19.76
C GLY B 20 -9.18 -15.83 -19.75
N GLU B 21 -9.92 -16.67 -20.48
CA GLU B 21 -9.54 -18.07 -20.59
C GLU B 21 -8.19 -18.23 -21.27
N LYS B 22 -7.94 -17.42 -22.31
CA LYS B 22 -6.68 -17.49 -23.02
C LYS B 22 -5.50 -17.14 -22.11
N VAL B 23 -5.69 -16.16 -21.21
CA VAL B 23 -4.58 -15.72 -20.37
C VAL B 23 -4.09 -16.85 -19.48
N ALA B 24 -5.04 -17.55 -18.83
CA ALA B 24 -4.66 -18.65 -17.94
C ALA B 24 -4.00 -19.78 -18.71
N GLN B 25 -4.52 -20.11 -19.89
CA GLN B 25 -3.94 -21.24 -20.63
C GLN B 25 -2.52 -20.92 -21.11
N ARG B 26 -2.20 -19.65 -21.30
CA ARG B 26 -0.83 -19.32 -21.67
C ARG B 26 0.11 -19.30 -20.46
N ILE B 27 -0.38 -18.98 -19.27
CA ILE B 27 0.48 -18.81 -18.10
C ILE B 27 0.52 -20.06 -17.24
N ARG B 28 -0.62 -20.71 -17.02
CA ARG B 28 -0.67 -21.78 -16.04
C ARG B 28 0.13 -22.98 -16.52
N GLY B 29 1.08 -23.42 -15.70
CA GLY B 29 1.95 -24.53 -16.04
C GLY B 29 3.08 -24.20 -16.98
N ALA B 30 3.18 -22.96 -17.46
CA ALA B 30 4.23 -22.61 -18.42
C ALA B 30 5.61 -22.79 -17.79
N THR B 31 6.54 -23.34 -18.58
CA THR B 31 7.88 -23.64 -18.08
C THR B 31 8.91 -22.57 -18.43
N ASP B 32 8.54 -21.54 -19.17
CA ASP B 32 9.48 -20.54 -19.65
C ASP B 32 9.35 -19.21 -18.92
N LEU B 33 8.69 -19.18 -17.76
CA LEU B 33 8.34 -17.90 -17.16
C LEU B 33 9.58 -17.20 -16.62
N PRO B 34 9.57 -15.86 -16.64
CA PRO B 34 10.67 -15.11 -16.01
C PRO B 34 10.79 -15.44 -14.53
N LYS B 35 12.03 -15.52 -14.06
CA LYS B 35 12.31 -15.63 -12.64
C LYS B 35 12.36 -14.23 -12.05
N ILE B 36 11.45 -13.93 -11.14
CA ILE B 36 11.33 -12.61 -10.54
C ILE B 36 12.28 -12.56 -9.35
N PRO B 37 13.26 -11.66 -9.34
CA PRO B 37 14.13 -11.54 -8.16
C PRO B 37 13.31 -11.16 -6.93
N ILE B 38 13.66 -11.76 -5.81
CA ILE B 38 13.05 -11.39 -4.53
C ILE B 38 13.65 -10.05 -4.12
N PRO B 39 12.85 -8.99 -3.99
CA PRO B 39 13.42 -7.67 -3.69
C PRO B 39 14.15 -7.68 -2.35
N SER B 40 15.27 -6.96 -2.31
CA SER B 40 16.07 -6.87 -1.10
C SER B 40 15.47 -5.84 -0.16
N VAL B 41 15.12 -6.26 1.05
CA VAL B 41 14.62 -5.34 2.07
C VAL B 41 15.72 -4.34 2.38
N PRO B 42 15.48 -3.04 2.22
CA PRO B 42 16.56 -2.07 2.40
C PRO B 42 16.92 -1.91 3.87
N THR B 43 18.22 -1.74 4.13
CA THR B 43 18.74 -1.43 5.44
C THR B 43 19.56 -0.16 5.33
N PHE B 44 19.79 0.51 6.47
CA PHE B 44 20.21 1.90 6.44
C PHE B 44 21.43 2.14 7.31
N GLN B 45 22.40 2.86 6.75
CA GLN B 45 23.50 3.40 7.52
C GLN B 45 23.00 4.50 8.45
N PRO B 46 23.55 4.61 9.66
CA PRO B 46 23.15 5.73 10.54
C PRO B 46 23.54 7.07 9.98
N SER B 47 24.45 7.12 9.01
CA SER B 47 24.84 8.36 8.37
C SER B 47 23.89 8.80 7.27
N THR B 48 22.91 7.98 6.91
CA THR B 48 22.03 8.30 5.79
C THR B 48 20.87 9.17 6.25
N PRO B 49 20.66 10.34 5.67
CA PRO B 49 19.52 11.18 6.07
C PRO B 49 18.21 10.46 5.84
N VAL B 50 17.25 10.71 6.72
CA VAL B 50 15.95 10.03 6.69
C VAL B 50 15.27 10.19 5.33
N PRO B 51 15.26 11.38 4.69
CA PRO B 51 14.61 11.47 3.36
C PRO B 51 15.22 10.51 2.35
N GLU B 52 16.54 10.32 2.39
CA GLU B 52 17.17 9.35 1.49
C GLU B 52 16.72 7.93 1.83
N ARG B 53 16.60 7.63 3.13
CA ARG B 53 16.09 6.31 3.52
C ARG B 53 14.68 6.10 2.97
N LEU B 54 13.84 7.14 3.00
CA LEU B 54 12.47 7.01 2.53
C LEU B 54 12.43 6.73 1.03
N GLU B 55 13.35 7.32 0.27
CA GLU B 55 13.44 6.99 -1.15
C GLU B 55 13.70 5.50 -1.35
N ALA B 56 14.58 4.92 -0.53
CA ALA B 56 14.87 3.49 -0.62
C ALA B 56 13.67 2.65 -0.20
N VAL B 57 12.96 3.09 0.85
CA VAL B 57 11.76 2.36 1.28
C VAL B 57 10.73 2.36 0.16
N GLN B 58 10.48 3.53 -0.43
CA GLN B 58 9.49 3.61 -1.51
C GLN B 58 9.93 2.77 -2.70
N ARG B 59 11.23 2.81 -3.02
CA ARG B 59 11.75 2.00 -4.12
C ARG B 59 11.47 0.52 -3.91
N TYR B 60 11.67 0.03 -2.68
CA TYR B 60 11.35 -1.36 -2.36
C TYR B 60 9.87 -1.65 -2.56
N ILE B 61 9.01 -0.79 -2.01
CA ILE B 61 7.57 -0.97 -2.16
C ILE B 61 7.18 -1.04 -3.63
N ARG B 62 7.76 -0.12 -4.44
CA ARG B 62 7.45 -0.10 -5.86
C ARG B 62 7.88 -1.40 -6.54
N GLU B 63 9.03 -1.96 -6.13
CA GLU B 63 9.53 -3.16 -6.80
C GLU B 63 8.57 -4.33 -6.67
N LEU B 64 7.81 -4.39 -5.57
CA LEU B 64 6.84 -5.47 -5.40
C LEU B 64 5.74 -5.41 -6.46
N GLN B 65 5.47 -4.21 -7.00
CA GLN B 65 4.48 -3.92 -8.05
C GLN B 65 3.07 -3.78 -7.48
N TYR B 66 2.28 -2.92 -8.11
CA TYR B 66 0.87 -2.82 -7.77
C TYR B 66 0.14 -4.07 -8.23
N ASN B 67 -0.72 -4.60 -7.36
CA ASN B 67 -1.43 -5.85 -7.61
C ASN B 67 -2.64 -5.57 -8.51
N HIS B 68 -2.50 -5.89 -9.80
CA HIS B 68 -3.60 -5.79 -10.75
C HIS B 68 -4.28 -7.12 -11.03
N THR B 69 -3.91 -8.20 -10.32
CA THR B 69 -4.44 -9.52 -10.62
C THR B 69 -5.91 -9.68 -10.24
N GLY B 70 -6.43 -8.82 -9.39
CA GLY B 70 -7.80 -8.95 -8.91
C GLY B 70 -7.95 -9.72 -7.62
N THR B 71 -6.86 -10.28 -7.10
CA THR B 71 -6.87 -11.07 -5.88
C THR B 71 -5.85 -10.49 -4.91
N GLN B 72 -6.32 -10.01 -3.76
CA GLN B 72 -5.41 -9.50 -2.73
C GLN B 72 -4.75 -10.68 -2.03
N PHE B 73 -3.42 -10.64 -1.92
CA PHE B 73 -2.68 -11.80 -1.43
C PHE B 73 -2.45 -11.78 0.07
N PHE B 74 -2.66 -10.64 0.73
CA PHE B 74 -2.50 -10.54 2.19
C PHE B 74 -3.73 -9.87 2.76
N GLU B 75 -4.43 -10.57 3.64
CA GLU B 75 -5.61 -10.03 4.30
C GLU B 75 -5.18 -9.08 5.42
N ILE B 76 -5.65 -7.83 5.37
CA ILE B 76 -5.32 -6.81 6.36
C ILE B 76 -6.57 -6.50 7.17
N LYS B 77 -6.61 -6.96 8.42
CA LYS B 77 -7.68 -6.57 9.35
C LYS B 77 -7.21 -5.33 10.10
N LYS B 78 -7.83 -4.19 9.81
CA LYS B 78 -7.30 -2.91 10.26
C LYS B 78 -7.36 -2.73 11.78
N SER B 79 -8.19 -3.49 12.48
CA SER B 79 -8.29 -3.39 13.93
C SER B 79 -7.32 -4.33 14.65
N ARG B 80 -6.49 -5.07 13.92
CA ARG B 80 -5.52 -5.96 14.58
C ARG B 80 -4.50 -5.15 15.38
N PRO B 81 -4.01 -5.70 16.48
CA PRO B 81 -2.88 -5.09 17.18
C PRO B 81 -1.71 -4.88 16.23
N LEU B 82 -0.98 -3.78 16.43
CA LEU B 82 0.14 -3.45 15.57
C LEU B 82 1.11 -4.61 15.44
N THR B 83 1.36 -5.34 16.54
CA THR B 83 2.33 -6.44 16.47
C THR B 83 1.90 -7.49 15.47
N GLY B 84 0.59 -7.73 15.35
CA GLY B 84 0.12 -8.68 14.35
C GLY B 84 0.29 -8.15 12.93
N LEU B 85 0.00 -6.88 12.70
CA LEU B 85 0.20 -6.30 11.38
C LEU B 85 1.68 -6.26 11.00
N MET B 86 2.58 -6.12 11.97
CA MET B 86 3.99 -6.12 11.64
C MET B 86 4.48 -7.53 11.32
N ASP B 87 3.93 -8.56 11.99
CA ASP B 87 4.19 -9.93 11.55
C ASP B 87 3.78 -10.13 10.10
N LEU B 88 2.63 -9.57 9.72
CA LEU B 88 2.17 -9.70 8.34
C LEU B 88 3.08 -8.95 7.38
N ALA B 89 3.51 -7.74 7.77
CA ALA B 89 4.45 -7.01 6.93
C ALA B 89 5.72 -7.81 6.68
N LYS B 90 6.23 -8.47 7.72
CA LYS B 90 7.40 -9.33 7.53
C LYS B 90 7.11 -10.43 6.52
N GLU B 91 5.93 -11.04 6.60
CA GLU B 91 5.58 -12.07 5.64
C GLU B 91 5.51 -11.52 4.22
N MET B 92 5.04 -10.28 4.06
CA MET B 92 5.04 -9.66 2.73
C MET B 92 6.45 -9.56 2.17
N THR B 93 7.44 -9.23 3.00
CA THR B 93 8.82 -9.19 2.51
C THR B 93 9.35 -10.58 2.21
N LYS B 94 8.80 -11.61 2.86
CA LYS B 94 9.23 -12.98 2.60
C LYS B 94 8.60 -13.53 1.33
N GLU B 95 7.30 -13.35 1.19
CA GLU B 95 6.58 -13.89 0.04
C GLU B 95 6.81 -13.07 -1.22
N ALA B 96 7.05 -11.78 -1.08
CA ALA B 96 7.39 -10.87 -2.19
C ALA B 96 6.39 -11.01 -3.35
N LEU B 97 5.15 -10.60 -3.07
CA LEU B 97 4.07 -10.62 -4.05
C LEU B 97 3.56 -9.20 -4.27
N PRO B 98 2.83 -8.97 -5.35
CA PRO B 98 2.27 -7.62 -5.58
C PRO B 98 1.31 -7.22 -4.46
N ILE B 99 1.21 -5.91 -4.24
CA ILE B 99 0.44 -5.37 -3.13
C ILE B 99 -0.43 -4.21 -3.62
N LYS B 100 -1.43 -3.88 -2.83
CA LYS B 100 -2.22 -2.68 -3.10
C LYS B 100 -1.99 -1.65 -1.99
N SER B 101 -2.87 -0.65 -1.93
CA SER B 101 -2.56 0.57 -1.18
C SER B 101 -2.50 0.31 0.33
N LEU B 102 -3.46 -0.43 0.87
CA LEU B 102 -3.47 -0.66 2.31
C LEU B 102 -2.29 -1.53 2.75
N GLU B 103 -1.97 -2.57 1.96
CA GLU B 103 -0.78 -3.36 2.26
C GLU B 103 0.48 -2.51 2.26
N ALA B 104 0.57 -1.56 1.31
CA ALA B 104 1.73 -0.68 1.25
C ALA B 104 1.85 0.18 2.49
N VAL B 105 0.72 0.61 3.05
CA VAL B 105 0.76 1.41 4.27
C VAL B 105 1.35 0.60 5.42
N ILE B 106 0.94 -0.65 5.55
CA ILE B 106 1.45 -1.52 6.61
C ILE B 106 2.94 -1.78 6.41
N LEU B 107 3.34 -2.01 5.16
CA LEU B 107 4.75 -2.20 4.84
C LEU B 107 5.55 -0.94 5.16
N GLY B 108 5.03 0.22 4.79
CA GLY B 108 5.73 1.47 5.08
C GLY B 108 5.97 1.68 6.56
N ILE B 109 5.00 1.30 7.39
CA ILE B 109 5.19 1.37 8.84
C ILE B 109 6.31 0.44 9.27
N TYR B 110 6.22 -0.83 8.85
CA TYR B 110 7.23 -1.84 9.20
C TYR B 110 8.63 -1.37 8.85
N LEU B 111 8.80 -0.77 7.68
CA LEU B 111 10.12 -0.41 7.18
C LEU B 111 10.61 0.94 7.69
N THR B 112 9.81 1.68 8.45
CA THR B 112 10.27 2.94 9.04
C THR B 112 10.22 2.92 10.56
N ASN B 113 9.97 1.77 11.18
CA ASN B 113 10.03 1.70 12.64
C ASN B 113 11.43 1.97 13.17
N SER B 114 12.46 1.79 12.34
CA SER B 114 13.84 2.12 12.68
C SER B 114 14.14 3.62 12.62
N MET B 115 13.13 4.46 12.37
CA MET B 115 13.33 5.89 12.17
C MET B 115 12.49 6.66 13.20
N PRO B 116 12.95 6.72 14.46
CA PRO B 116 12.13 7.39 15.49
C PRO B 116 11.98 8.89 15.28
N THR B 117 12.83 9.54 14.47
CA THR B 117 12.63 10.96 14.17
C THR B 117 11.63 11.18 13.04
N LEU B 118 11.04 10.12 12.51
CA LEU B 118 9.99 10.19 11.51
C LEU B 118 8.67 9.79 12.16
N GLU B 119 7.64 10.60 11.98
CA GLU B 119 6.31 10.17 12.39
C GLU B 119 5.53 9.70 11.17
N ARG B 120 4.72 8.67 11.38
CA ARG B 120 3.95 8.02 10.33
C ARG B 120 2.48 8.03 10.74
N PHE B 121 1.59 8.43 9.82
CA PHE B 121 0.17 8.48 10.11
C PHE B 121 -0.62 8.18 8.84
N PRO B 122 -1.63 7.33 8.89
CA PRO B 122 -2.39 7.01 7.68
C PRO B 122 -3.26 8.16 7.23
N ILE B 123 -3.40 8.29 5.91
CA ILE B 123 -4.31 9.23 5.28
C ILE B 123 -5.14 8.46 4.28
N SER B 124 -6.44 8.39 4.49
CA SER B 124 -7.30 7.75 3.50
C SER B 124 -8.14 8.80 2.80
N PHE B 125 -8.50 8.51 1.56
CA PHE B 125 -9.24 9.43 0.70
C PHE B 125 -10.50 8.73 0.23
N LYS B 126 -11.59 9.49 0.13
CA LYS B 126 -12.80 9.04 -0.54
C LYS B 126 -13.07 10.01 -1.69
N THR B 127 -13.14 9.49 -2.91
CA THR B 127 -13.31 10.33 -4.07
C THR B 127 -14.53 9.88 -4.87
N TYR B 128 -14.94 10.74 -5.78
CA TYR B 128 -16.14 10.53 -6.58
C TYR B 128 -15.78 10.65 -8.05
N PHE B 129 -16.08 9.61 -8.82
CA PHE B 129 -15.83 9.59 -10.26
C PHE B 129 -16.94 8.81 -10.94
N SER B 130 -17.52 9.42 -11.98
CA SER B 130 -18.48 8.75 -12.84
C SER B 130 -19.59 8.08 -12.02
N GLY B 131 -20.17 8.87 -11.13
CA GLY B 131 -21.29 8.41 -10.32
C GLY B 131 -20.95 7.50 -9.16
N ASN B 132 -19.68 7.26 -8.90
CA ASN B 132 -19.31 6.24 -7.93
C ASN B 132 -18.16 6.70 -7.04
N TYR B 133 -18.02 6.00 -5.93
CA TYR B 133 -17.10 6.36 -4.87
C TYR B 133 -15.92 5.40 -4.86
N PHE B 134 -14.76 5.93 -4.50
CA PHE B 134 -13.52 5.17 -4.52
C PHE B 134 -12.74 5.47 -3.25
N ARG B 135 -12.05 4.46 -2.74
CA ARG B 135 -11.29 4.55 -1.51
C ARG B 135 -9.81 4.32 -1.79
N HIS B 136 -8.97 5.14 -1.16
CA HIS B 136 -7.53 5.05 -1.33
C HIS B 136 -6.89 5.40 -0.01
N ILE B 137 -5.66 4.94 0.19
CA ILE B 137 -4.95 5.25 1.43
C ILE B 137 -3.45 5.30 1.15
N VAL B 138 -2.76 6.19 1.87
CA VAL B 138 -1.32 6.31 1.84
C VAL B 138 -0.83 6.45 3.28
N LEU B 139 0.47 6.35 3.45
CA LEU B 139 1.09 6.56 4.75
C LEU B 139 1.67 7.97 4.77
N GLY B 140 1.00 8.89 5.44
CA GLY B 140 1.57 10.21 5.65
C GLY B 140 2.79 10.11 6.53
N VAL B 141 3.77 10.98 6.27
CA VAL B 141 4.98 11.03 7.07
C VAL B 141 5.33 12.48 7.37
N ASN B 142 6.03 12.67 8.48
CA ASN B 142 6.48 13.98 8.94
C ASN B 142 7.92 13.83 9.37
N PHE B 143 8.83 14.53 8.70
CA PHE B 143 10.23 14.57 9.10
C PHE B 143 10.68 16.01 9.22
N ALA B 144 11.20 16.36 10.38
CA ALA B 144 11.77 17.70 10.62
C ALA B 144 10.75 18.79 10.29
N GLY B 145 9.49 18.54 10.62
CA GLY B 145 8.44 19.50 10.40
C GLY B 145 7.91 19.62 8.99
N ARG B 146 8.35 18.76 8.06
CA ARG B 146 7.84 18.76 6.70
C ARG B 146 7.12 17.45 6.42
N TYR B 147 6.15 17.50 5.52
CA TYR B 147 5.24 16.39 5.30
C TYR B 147 5.47 15.75 3.95
N GLY B 148 5.35 14.42 3.91
CA GLY B 148 5.42 13.66 2.67
C GLY B 148 4.54 12.44 2.78
N ALA B 149 4.73 11.46 1.90
CA ALA B 149 3.91 10.26 1.97
C ALA B 149 4.65 9.09 1.33
N LEU B 150 4.33 7.90 1.81
CA LEU B 150 4.71 6.63 1.19
C LEU B 150 3.44 5.88 0.83
N GLY B 151 3.52 5.05 -0.21
CA GLY B 151 2.37 4.21 -0.51
C GLY B 151 2.49 3.58 -1.89
N MET B 152 1.37 3.03 -2.33
CA MET B 152 1.28 2.37 -3.62
C MET B 152 -0.07 2.67 -4.24
N SER B 153 -0.06 2.94 -5.53
CA SER B 153 -1.27 3.32 -6.25
C SER B 153 -1.08 2.96 -7.71
N ARG B 154 -2.18 2.88 -8.45
CA ARG B 154 -2.09 2.73 -9.90
CA ARG B 154 -2.06 2.71 -9.90
C ARG B 154 -1.47 3.95 -10.56
N ARG B 155 -1.57 5.11 -9.92
CA ARG B 155 -1.08 6.37 -10.46
C ARG B 155 0.16 6.84 -9.71
N GLU B 156 1.13 7.34 -10.48
CA GLU B 156 2.38 7.83 -9.92
C GLU B 156 2.17 8.95 -8.92
N ASP B 157 1.15 9.78 -9.13
CA ASP B 157 0.98 10.99 -8.33
C ASP B 157 0.01 10.80 -7.18
N LEU B 158 -0.37 9.57 -6.85
CA LEU B 158 -1.26 9.29 -5.74
C LEU B 158 -0.60 8.36 -4.72
N MET B 159 0.72 8.42 -4.64
CA MET B 159 1.44 7.64 -3.64
C MET B 159 2.59 8.45 -3.06
N TYR B 160 3.81 8.16 -3.49
CA TYR B 160 5.00 8.78 -2.92
C TYR B 160 5.00 10.30 -3.06
N LYS B 161 5.28 10.97 -1.95
CA LYS B 161 5.59 12.40 -1.92
C LYS B 161 6.82 12.60 -1.04
N PRO B 162 7.89 13.19 -1.54
CA PRO B 162 9.03 13.47 -0.68
C PRO B 162 8.62 14.38 0.46
N PRO B 163 9.25 14.20 1.63
CA PRO B 163 8.84 15.00 2.82
C PRO B 163 9.33 16.44 2.71
N ALA B 164 8.68 17.20 1.82
CA ALA B 164 9.06 18.57 1.54
C ALA B 164 7.95 19.58 1.74
N PHE B 165 6.71 19.13 1.99
CA PHE B 165 5.61 20.06 2.14
C PHE B 165 5.67 20.74 3.51
N ARG B 166 5.60 22.07 3.53
CA ARG B 166 5.77 22.74 4.81
C ARG B 166 4.55 22.64 5.72
N THR B 167 3.40 22.24 5.20
CA THR B 167 2.23 22.00 6.05
C THR B 167 1.49 20.76 5.58
N LEU B 168 0.74 20.16 6.52
CA LEU B 168 -0.10 19.02 6.16
C LEU B 168 -1.16 19.42 5.14
N SER B 169 -1.72 20.63 5.27
CA SER B 169 -2.68 21.11 4.29
C SER B 169 -2.11 21.07 2.88
N GLU B 170 -0.86 21.51 2.71
CA GLU B 170 -0.26 21.51 1.38
C GLU B 170 -0.05 20.09 0.86
N LEU B 171 0.31 19.15 1.74
CA LEU B 171 0.41 17.75 1.31
C LEU B 171 -0.94 17.25 0.80
N VAL B 172 -1.99 17.44 1.59
CA VAL B 172 -3.30 16.90 1.23
C VAL B 172 -3.84 17.59 -0.02
N LEU B 173 -3.61 18.90 -0.13
CA LEU B 173 -4.07 19.62 -1.32
C LEU B 173 -3.36 19.15 -2.58
N ASP B 174 -2.12 18.65 -2.45
CA ASP B 174 -1.42 18.08 -3.60
C ASP B 174 -2.11 16.81 -4.07
N PHE B 175 -2.50 15.94 -3.14
CA PHE B 175 -3.30 14.77 -3.50
C PHE B 175 -4.61 15.19 -4.14
N GLU B 176 -5.28 16.19 -3.57
CA GLU B 176 -6.55 16.66 -4.14
C GLU B 176 -6.36 17.11 -5.58
N ALA B 177 -5.29 17.85 -5.86
CA ALA B 177 -5.02 18.31 -7.22
C ALA B 177 -4.75 17.14 -8.16
N ALA B 178 -3.99 16.15 -7.68
CA ALA B 178 -3.72 14.98 -8.49
C ALA B 178 -5.00 14.23 -8.83
N TYR B 179 -5.87 14.04 -7.83
CA TYR B 179 -7.18 13.47 -8.10
C TYR B 179 -7.96 14.31 -9.11
N GLY B 180 -7.92 15.63 -8.95
CA GLY B 180 -8.62 16.49 -9.90
C GLY B 180 -8.15 16.29 -11.33
N ARG B 181 -6.84 16.07 -11.52
CA ARG B 181 -6.31 15.89 -12.86
C ARG B 181 -6.81 14.61 -13.51
N CYS B 182 -7.19 13.59 -12.73
CA CYS B 182 -7.80 12.39 -13.28
C CYS B 182 -9.31 12.35 -13.00
N TRP B 183 -9.91 13.53 -12.83
CA TRP B 183 -11.36 13.74 -12.88
C TRP B 183 -12.08 13.10 -11.69
N HIS B 184 -11.38 12.92 -10.58
CA HIS B 184 -11.98 12.54 -9.31
C HIS B 184 -12.19 13.77 -8.44
N VAL B 185 -13.34 13.84 -7.77
CA VAL B 185 -13.61 14.90 -6.81
C VAL B 185 -13.37 14.33 -5.41
N LEU B 186 -12.56 15.03 -4.61
CA LEU B 186 -12.24 14.57 -3.27
C LEU B 186 -13.40 14.91 -2.34
N LYS B 187 -13.97 13.88 -1.72
CA LYS B 187 -15.14 14.02 -0.84
C LYS B 187 -14.80 13.95 0.63
N LYS B 188 -13.92 13.03 1.04
CA LYS B 188 -13.55 12.90 2.44
C LYS B 188 -12.06 12.62 2.56
N VAL B 189 -11.46 13.13 3.63
CA VAL B 189 -10.11 12.76 4.02
C VAL B 189 -10.17 12.30 5.47
N LYS B 190 -9.67 11.09 5.72
CA LYS B 190 -9.70 10.49 7.04
C LYS B 190 -8.26 10.26 7.48
N LEU B 191 -7.86 10.91 8.57
CA LEU B 191 -6.47 10.99 8.98
C LEU B 191 -6.29 10.33 10.34
N GLY B 192 -5.25 9.51 10.45
CA GLY B 192 -4.98 8.81 11.69
C GLY B 192 -3.99 9.53 12.58
N GLN B 193 -3.69 8.89 13.70
CA GLN B 193 -2.68 9.38 14.61
C GLN B 193 -1.32 8.75 14.29
N SER B 194 -0.28 9.31 14.89
CA SER B 194 1.07 8.77 14.73
C SER B 194 1.12 7.33 15.21
N VAL B 195 1.83 6.48 14.45
CA VAL B 195 1.91 5.05 14.73
C VAL B 195 3.15 4.77 15.56
N SER B 196 3.01 3.88 16.54
CA SER B 196 4.14 3.49 17.37
C SER B 196 5.26 2.89 16.52
N HIS B 197 6.51 3.19 16.91
CA HIS B 197 7.69 2.59 16.29
C HIS B 197 8.04 1.23 16.88
N ASP B 198 7.26 0.75 17.86
CA ASP B 198 7.50 -0.53 18.49
C ASP B 198 6.75 -1.59 17.70
N PRO B 199 7.44 -2.47 16.95
CA PRO B 199 6.73 -3.49 16.17
C PRO B 199 6.05 -4.56 17.03
N HIS B 200 6.31 -4.57 18.34
CA HIS B 200 5.64 -5.49 19.24
C HIS B 200 4.57 -4.81 20.07
N SER B 201 4.19 -3.59 19.69
CA SER B 201 3.12 -2.89 20.39
C SER B 201 1.81 -3.65 20.23
N VAL B 202 1.01 -3.68 21.31
CA VAL B 202 -0.30 -4.32 21.25
C VAL B 202 -1.41 -3.33 20.94
N GLU B 203 -1.08 -2.05 20.78
CA GLU B 203 -2.10 -1.05 20.50
C GLU B 203 -2.50 -1.09 19.04
N GLN B 204 -3.73 -0.65 18.76
CA GLN B 204 -4.23 -0.59 17.40
C GLN B 204 -3.78 0.71 16.72
N ILE B 205 -3.69 0.67 15.39
CA ILE B 205 -3.56 1.89 14.63
C ILE B 205 -4.86 2.68 14.75
N GLU B 206 -4.75 4.00 14.95
CA GLU B 206 -5.91 4.87 14.97
C GLU B 206 -6.04 5.47 13.58
N TRP B 207 -7.05 5.03 12.82
CA TRP B 207 -7.15 5.34 11.40
C TRP B 207 -7.92 6.62 11.11
N LYS B 208 -8.81 7.02 12.01
CA LYS B 208 -9.80 8.04 11.70
C LYS B 208 -9.89 9.03 12.85
N HIS B 209 -8.74 9.54 13.29
CA HIS B 209 -8.71 10.56 14.33
C HIS B 209 -9.42 11.82 13.86
N SER B 210 -9.29 12.16 12.58
CA SER B 210 -10.04 13.24 11.96
C SER B 210 -10.73 12.68 10.73
N VAL B 211 -12.02 12.97 10.59
CA VAL B 211 -12.76 12.64 9.37
C VAL B 211 -13.28 13.96 8.82
N LEU B 212 -12.75 14.37 7.68
CA LEU B 212 -12.99 15.70 7.13
C LEU B 212 -13.90 15.61 5.91
N ASP B 213 -15.07 16.24 6.02
CA ASP B 213 -16.04 16.30 4.93
C ASP B 213 -15.69 17.53 4.08
N VAL B 214 -15.08 17.29 2.91
CA VAL B 214 -14.44 18.37 2.18
C VAL B 214 -15.47 19.39 1.70
N GLU B 215 -16.59 18.92 1.13
CA GLU B 215 -17.56 19.86 0.60
C GLU B 215 -18.31 20.60 1.71
N ARG B 216 -18.65 19.90 2.80
CA ARG B 216 -19.36 20.55 3.90
C ARG B 216 -18.49 21.57 4.62
N LEU B 217 -17.17 21.33 4.68
CA LEU B 217 -16.29 22.26 5.37
C LEU B 217 -16.02 23.52 4.55
N GLY B 218 -15.89 23.39 3.24
CA GLY B 218 -15.43 24.49 2.42
C GLY B 218 -13.93 24.68 2.53
N ARG B 219 -13.39 25.53 1.64
CA ARG B 219 -11.95 25.65 1.45
C ARG B 219 -11.23 25.99 2.74
N ASP B 220 -11.62 27.09 3.38
CA ASP B 220 -10.83 27.61 4.50
C ASP B 220 -10.93 26.72 5.73
N ASP B 221 -12.13 26.20 6.01
CA ASP B 221 -12.27 25.32 7.17
C ASP B 221 -11.67 23.94 6.92
N PHE B 222 -11.63 23.49 5.66
CA PHE B 222 -10.87 22.29 5.32
C PHE B 222 -9.40 22.47 5.71
N ARG B 223 -8.81 23.60 5.31
CA ARG B 223 -7.42 23.87 5.65
C ARG B 223 -7.22 23.96 7.15
N LYS B 224 -8.12 24.65 7.86
CA LYS B 224 -7.96 24.80 9.30
C LYS B 224 -8.08 23.46 10.02
N GLU B 225 -8.96 22.58 9.54
CA GLU B 225 -9.09 21.27 10.14
C GLU B 225 -7.83 20.43 9.91
N LEU B 226 -7.24 20.53 8.72
CA LEU B 226 -5.98 19.84 8.46
C LEU B 226 -4.88 20.35 9.37
N GLU B 227 -4.81 21.67 9.56
CA GLU B 227 -3.80 22.22 10.46
C GLU B 227 -4.09 21.88 11.92
N ARG B 228 -5.37 21.75 12.29
CA ARG B 228 -5.68 21.27 13.63
C ARG B 228 -5.21 19.83 13.80
N HIS B 229 -5.45 18.98 12.82
CA HIS B 229 -5.00 17.59 12.92
C HIS B 229 -3.49 17.52 13.08
N ALA B 230 -2.76 18.33 12.30
CA ALA B 230 -1.31 18.35 12.42
C ALA B 230 -0.87 18.76 13.81
N ARG B 231 -1.59 19.71 14.43
CA ARG B 231 -1.28 20.09 15.80
C ARG B 231 -1.55 18.94 16.77
N ASP B 232 -2.71 18.30 16.64
CA ASP B 232 -3.03 17.13 17.47
C ASP B 232 -1.90 16.09 17.44
N MET B 233 -1.28 15.91 16.27
CA MET B 233 -0.27 14.86 16.14
C MET B 233 1.05 15.26 16.79
N ARG B 234 1.41 16.55 16.70
CA ARG B 234 2.67 17.01 17.29
C ARG B 234 2.66 16.96 18.81
N LEU B 235 1.49 16.81 19.43
CA LEU B 235 1.35 16.90 20.88
C LEU B 235 0.52 15.75 21.44
N GLU C 3 -15.10 2.73 3.85
CA GLU C 3 -16.32 1.92 3.80
C GLU C 3 -16.94 1.95 2.40
N GLU C 4 -17.83 2.91 2.18
CA GLU C 4 -18.57 2.99 0.93
C GLU C 4 -17.62 3.11 -0.27
N GLY C 5 -18.01 2.52 -1.38
CA GLY C 5 -17.26 2.62 -2.61
C GLY C 5 -16.21 1.53 -2.76
N GLU C 6 -15.70 1.41 -3.98
CA GLU C 6 -14.72 0.38 -4.28
C GLU C 6 -13.31 0.92 -4.03
N GLU C 7 -12.37 -0.02 -3.98
CA GLU C 7 -10.97 0.33 -3.81
C GLU C 7 -10.49 1.14 -5.01
N TYR C 8 -9.91 2.30 -4.75
CA TYR C 8 -9.34 3.07 -5.85
C TYR C 8 -8.22 2.27 -6.51
#